data_5ZRL
#
_entry.id   5ZRL
#
_cell.length_a   31.800
_cell.length_b   72.710
_cell.length_c   59.170
_cell.angle_alpha   90.00
_cell.angle_beta   104.70
_cell.angle_gamma   90.00
#
_symmetry.space_group_name_H-M   'P 1 21 1'
#
loop_
_entity.id
_entity.type
_entity.pdbx_description
1 polymer 'Putative mutator protein MutT2/NUDIX hydrolase'
2 non-polymer "CYTIDINE-5'-DIPHOSPHATE"
3 non-polymer 1,2-ETHANEDIOL
4 water water
#
_entity_poly.entity_id   1
_entity_poly.type   'polypeptide(L)'
_entity_poly.pdbx_seq_one_letter_code
;MGSSHHHHHHSSGLVPRGSHMTKQIVVAGALISRGTLLVAQRDRPAELAGLWELPGGKVTPGESDADALARELREELGVD
VAVGERLGADVALNDAMTLRAYRVTLRSGSPHPHDHRALRWVGADEIDGLAWVPADRAWVPDLVAALSGR
;
_entity_poly.pdbx_strand_id   A,B
#
# COMPACT_ATOMS: atom_id res chain seq x y z
N LYS A 23 20.68 25.73 13.74
CA LYS A 23 19.35 25.40 13.15
C LYS A 23 18.39 24.81 14.19
N GLN A 24 17.10 25.01 13.97
CA GLN A 24 16.07 24.30 14.69
C GLN A 24 16.03 22.85 14.20
N ILE A 25 15.86 21.90 15.12
CA ILE A 25 15.82 20.50 14.74
C ILE A 25 14.37 20.00 14.65
N VAL A 26 14.07 19.24 13.61
N VAL A 26 14.07 19.25 13.60
CA VAL A 26 12.81 18.51 13.52
CA VAL A 26 12.82 18.50 13.49
C VAL A 26 13.15 17.03 13.47
C VAL A 26 13.21 17.03 13.51
N VAL A 27 12.63 16.28 14.44
CA VAL A 27 12.90 14.85 14.52
C VAL A 27 11.77 14.03 13.92
N ALA A 28 12.13 12.90 13.31
CA ALA A 28 11.14 12.01 12.70
C ALA A 28 11.48 10.56 13.05
N GLY A 29 10.44 9.73 13.17
CA GLY A 29 10.65 8.35 13.63
C GLY A 29 10.35 7.36 12.54
N ALA A 30 11.26 6.40 12.42
CA ALA A 30 11.07 5.23 11.56
C ALA A 30 10.71 4.03 12.41
N LEU A 31 9.40 3.85 12.59
CA LEU A 31 8.88 2.82 13.47
C LEU A 31 8.69 1.53 12.70
N ILE A 32 9.51 0.54 13.02
CA ILE A 32 9.53 -0.70 12.28
C ILE A 32 9.07 -1.81 13.21
N SER A 33 7.96 -2.40 12.82
CA SER A 33 7.31 -3.44 13.61
C SER A 33 6.99 -4.60 12.68
N ARG A 34 7.43 -5.78 13.06
CA ARG A 34 7.15 -6.98 12.28
C ARG A 34 7.65 -6.80 10.86
N GLY A 35 8.81 -6.15 10.73
CA GLY A 35 9.43 -5.96 9.42
C GLY A 35 8.63 -5.10 8.45
N THR A 36 7.72 -4.27 8.98
CA THR A 36 7.15 -3.18 8.19
C THR A 36 7.36 -1.84 8.84
N LEU A 37 7.17 -0.78 8.04
CA LEU A 37 7.46 0.59 8.49
C LEU A 37 6.14 1.33 8.59
N LEU A 38 5.97 2.12 9.65
CA LEU A 38 4.82 2.99 9.77
C LEU A 38 5.04 4.29 9.01
N VAL A 39 4.14 4.60 8.08
CA VAL A 39 4.18 5.89 7.43
C VAL A 39 2.86 6.59 7.67
N ALA A 40 2.89 7.92 7.61
CA ALA A 40 1.80 8.78 8.06
C ALA A 40 1.50 9.82 6.99
N GLN A 41 0.23 9.95 6.63
CA GLN A 41 -0.18 10.83 5.55
C GLN A 41 -0.57 12.16 6.13
N ARG A 42 0.14 13.21 5.74
CA ARG A 42 -0.17 14.55 6.24
C ARG A 42 -1.57 14.98 5.87
N ASP A 43 -2.15 15.84 6.70
CA ASP A 43 -3.44 16.45 6.42
C ASP A 43 -3.31 17.98 6.25
N ARG A 44 -2.10 18.48 6.49
CA ARG A 44 -1.80 19.92 6.44
C ARG A 44 -0.29 20.12 6.38
N PRO A 45 0.17 21.29 5.91
CA PRO A 45 -0.64 22.30 5.22
C PRO A 45 -1.05 21.79 3.85
N ALA A 46 -1.64 22.66 3.03
CA ALA A 46 -2.16 22.20 1.76
C ALA A 46 -1.05 21.63 0.87
N GLU A 47 0.14 22.23 0.93
CA GLU A 47 1.26 21.86 0.08
C GLU A 47 1.68 20.40 0.29
N LEU A 48 1.53 19.90 1.52
CA LEU A 48 1.94 18.53 1.84
C LEU A 48 0.79 17.59 2.16
N ALA A 49 -0.44 18.12 2.23
CA ALA A 49 -1.58 17.29 2.56
C ALA A 49 -1.75 16.23 1.49
N GLY A 50 -1.90 14.97 1.91
CA GLY A 50 -2.09 13.86 0.99
C GLY A 50 -0.77 13.13 0.71
N LEU A 51 0.32 13.72 1.16
CA LEU A 51 1.63 13.07 1.00
C LEU A 51 2.10 12.42 2.32
N TRP A 52 3.05 11.49 2.19
CA TRP A 52 3.38 10.58 3.28
C TRP A 52 4.75 10.92 3.90
N GLU A 53 4.88 10.65 5.20
CA GLU A 53 6.07 11.05 5.95
C GLU A 53 6.35 10.08 7.09
N LEU A 54 7.58 10.09 7.57
CA LEU A 54 7.88 9.66 8.92
C LEU A 54 7.36 10.69 9.92
N PRO A 55 6.47 10.26 10.83
CA PRO A 55 5.91 11.20 11.78
C PRO A 55 6.94 11.71 12.78
N GLY A 56 6.75 12.93 13.23
CA GLY A 56 7.60 13.52 14.24
C GLY A 56 7.20 14.97 14.44
N GLY A 57 8.18 15.83 14.72
CA GLY A 57 7.93 17.26 14.85
C GLY A 57 9.10 17.98 15.49
N LYS A 58 8.86 19.23 15.84
CA LYS A 58 9.95 20.12 16.22
C LYS A 58 10.38 19.87 17.66
N VAL A 59 11.69 19.84 17.88
CA VAL A 59 12.26 19.92 19.20
C VAL A 59 11.92 21.26 19.82
N THR A 60 11.48 21.22 21.08
CA THR A 60 11.27 22.45 21.83
C THR A 60 12.37 22.62 22.89
N PRO A 61 12.57 23.87 23.34
CA PRO A 61 13.71 24.19 24.19
C PRO A 61 13.88 23.26 25.41
N GLY A 62 15.11 22.79 25.63
CA GLY A 62 15.39 21.94 26.77
C GLY A 62 15.34 20.46 26.47
N GLU A 63 14.78 20.09 25.31
CA GLU A 63 14.51 18.67 25.01
C GLU A 63 15.70 18.06 24.28
N SER A 64 16.04 16.83 24.64
CA SER A 64 16.91 16.02 23.78
C SER A 64 16.16 15.58 22.54
N ASP A 65 16.90 15.08 21.54
CA ASP A 65 16.23 14.55 20.36
C ASP A 65 15.25 13.46 20.78
N ALA A 66 15.64 12.60 21.70
CA ALA A 66 14.81 11.43 22.03
C ALA A 66 13.59 11.89 22.82
N ASP A 67 13.77 12.90 23.67
CA ASP A 67 12.65 13.46 24.43
C ASP A 67 11.59 13.94 23.46
N ALA A 68 12.02 14.75 22.49
CA ALA A 68 11.11 15.35 21.53
C ALA A 68 10.41 14.27 20.70
N LEU A 69 11.16 13.30 20.20
CA LEU A 69 10.58 12.35 19.25
C LEU A 69 9.57 11.43 19.98
N ALA A 70 9.93 10.94 21.15
CA ALA A 70 8.97 10.19 21.96
C ALA A 70 7.71 11.00 22.26
N ARG A 71 7.86 12.26 22.65
CA ARG A 71 6.70 13.11 22.91
C ARG A 71 5.80 13.25 21.68
N GLU A 72 6.41 13.55 20.53
CA GLU A 72 5.66 13.76 19.30
C GLU A 72 4.89 12.50 18.94
N LEU A 73 5.52 11.33 19.07
CA LEU A 73 4.86 10.10 18.67
C LEU A 73 3.78 9.70 19.68
N ARG A 74 3.92 10.11 20.94
CA ARG A 74 2.81 9.97 21.91
C ARG A 74 1.64 10.86 21.47
N GLU A 75 1.93 12.13 21.22
CA GLU A 75 0.90 13.10 20.83
C GLU A 75 0.20 12.70 19.53
N GLU A 76 0.98 12.23 18.55
CA GLU A 76 0.49 12.07 17.18
C GLU A 76 -0.09 10.69 16.95
N LEU A 77 0.45 9.68 17.62
CA LEU A 77 0.10 8.27 17.32
C LEU A 77 -0.51 7.53 18.51
N GLY A 78 -0.31 8.07 19.72
CA GLY A 78 -0.78 7.40 20.93
C GLY A 78 0.04 6.18 21.31
N VAL A 79 1.31 6.17 20.94
CA VAL A 79 2.18 5.06 21.30
C VAL A 79 3.41 5.53 22.04
N ASP A 80 3.95 4.64 22.85
N ASP A 80 3.92 4.66 22.90
CA ASP A 80 5.20 4.87 23.58
CA ASP A 80 5.20 4.88 23.56
C ASP A 80 6.33 4.11 22.89
C ASP A 80 6.31 4.12 22.82
N VAL A 81 7.32 4.85 22.39
CA VAL A 81 8.42 4.24 21.66
C VAL A 81 9.73 4.41 22.42
N ALA A 82 10.66 3.50 22.13
CA ALA A 82 12.06 3.66 22.47
C ALA A 82 12.82 4.18 21.26
N VAL A 83 13.59 5.23 21.47
CA VAL A 83 14.33 5.84 20.40
C VAL A 83 15.71 5.24 20.20
N GLY A 84 16.00 4.82 18.97
CA GLY A 84 17.22 4.08 18.67
C GLY A 84 18.20 4.90 17.87
N GLU A 85 18.84 4.26 16.89
CA GLU A 85 19.94 4.88 16.15
C GLU A 85 19.40 5.85 15.12
N ARG A 86 20.30 6.68 14.60
CA ARG A 86 19.96 7.51 13.46
C ARG A 86 19.62 6.67 12.25
N LEU A 87 18.74 7.19 11.41
CA LEU A 87 18.40 6.57 10.16
C LEU A 87 18.61 7.53 9.00
N GLY A 88 19.51 7.19 8.08
CA GLY A 88 19.83 8.06 6.95
C GLY A 88 20.46 9.38 7.32
N ALA A 89 20.55 10.28 6.34
CA ALA A 89 21.25 11.56 6.50
C ALA A 89 20.31 12.61 7.08
N ASP A 90 20.91 13.61 7.75
CA ASP A 90 20.20 14.84 8.04
C ASP A 90 19.78 15.50 6.74
N VAL A 91 18.60 16.11 6.75
CA VAL A 91 18.10 16.84 5.60
C VAL A 91 17.99 18.32 5.92
N ALA A 92 18.60 19.16 5.11
CA ALA A 92 18.49 20.60 5.29
C ALA A 92 17.18 21.09 4.73
N LEU A 93 16.18 21.24 5.58
CA LEU A 93 14.84 21.55 5.10
C LEU A 93 14.84 22.90 4.43
N ASN A 94 15.32 23.88 5.18
CA ASN A 94 15.49 25.23 4.70
C ASN A 94 16.66 25.83 5.47
N ASP A 95 16.79 27.16 5.42
CA ASP A 95 17.95 27.81 6.02
C ASP A 95 17.87 27.84 7.55
N ALA A 96 16.74 27.40 8.11
CA ALA A 96 16.50 27.49 9.54
C ALA A 96 16.52 26.12 10.23
N MET A 97 16.22 25.07 9.47
CA MET A 97 15.73 23.81 10.05
C MET A 97 16.49 22.61 9.50
N THR A 98 16.85 21.69 10.39
CA THR A 98 17.41 20.40 10.01
C THR A 98 16.48 19.28 10.42
N LEU A 99 16.27 18.34 9.51
CA LEU A 99 15.37 17.22 9.71
C LEU A 99 16.16 15.94 9.86
N ARG A 100 15.92 15.24 10.96
CA ARG A 100 16.69 14.05 11.30
C ARG A 100 15.73 12.92 11.67
N ALA A 101 15.95 11.76 11.08
CA ALA A 101 15.17 10.56 11.43
C ALA A 101 15.95 9.68 12.39
N TYR A 102 15.21 9.02 13.28
CA TYR A 102 15.71 7.95 14.14
C TYR A 102 14.87 6.70 13.97
N ARG A 103 15.49 5.54 14.00
CA ARG A 103 14.74 4.33 14.21
C ARG A 103 14.10 4.38 15.59
N VAL A 104 12.86 3.89 15.69
CA VAL A 104 12.21 3.72 16.96
C VAL A 104 11.52 2.36 17.00
N THR A 105 11.27 1.88 18.20
N THR A 105 11.27 1.91 18.23
CA THR A 105 10.55 0.64 18.35
CA THR A 105 10.68 0.59 18.52
C THR A 105 9.42 0.81 19.32
C THR A 105 9.43 0.81 19.35
N LEU A 106 8.38 0.03 19.10
CA LEU A 106 7.14 0.18 19.82
C LEU A 106 7.28 -0.54 21.15
N ARG A 107 7.21 0.21 22.24
CA ARG A 107 7.09 -0.39 23.57
C ARG A 107 5.66 -0.86 23.86
N SER A 108 4.70 0.02 23.66
CA SER A 108 3.30 -0.37 23.80
C SER A 108 2.36 0.56 23.04
N GLY A 109 1.23 -0.02 22.63
CA GLY A 109 0.19 0.72 21.91
C GLY A 109 0.02 0.21 20.49
N SER A 110 -1.12 0.54 19.89
CA SER A 110 -1.29 0.51 18.44
C SER A 110 -1.48 1.93 17.92
N PRO A 111 -0.72 2.30 16.89
CA PRO A 111 -0.76 3.69 16.40
C PRO A 111 -2.11 4.08 15.86
N HIS A 112 -2.53 5.31 16.15
N HIS A 112 -2.46 5.35 16.04
CA HIS A 112 -3.73 5.89 15.56
CA HIS A 112 -3.73 5.88 15.57
C HIS A 112 -3.39 7.29 15.09
C HIS A 112 -3.55 7.34 15.18
N PRO A 113 -3.95 7.71 13.95
CA PRO A 113 -3.71 9.06 13.44
C PRO A 113 -4.55 10.09 14.18
N HIS A 114 -3.93 10.78 15.12
N HIS A 114 -3.90 10.84 15.05
CA HIS A 114 -4.56 11.93 15.79
CA HIS A 114 -4.58 11.89 15.79
C HIS A 114 -4.64 13.14 14.85
C HIS A 114 -4.43 13.25 15.10
N ASP A 115 -3.55 13.33 14.10
CA ASP A 115 -3.24 14.59 13.44
C ASP A 115 -3.22 14.33 11.92
N HIS A 116 -2.77 13.13 11.58
CA HIS A 116 -2.58 12.74 10.18
C HIS A 116 -3.89 12.28 9.55
N ARG A 117 -3.92 12.32 8.22
CA ARG A 117 -5.06 11.88 7.42
C ARG A 117 -5.23 10.36 7.45
N ALA A 118 -4.12 9.65 7.50
CA ALA A 118 -4.11 8.20 7.45
C ALA A 118 -2.74 7.69 7.91
N LEU A 119 -2.74 6.45 8.36
CA LEU A 119 -1.51 5.68 8.62
C LEU A 119 -1.49 4.45 7.74
N ARG A 120 -0.30 3.94 7.46
CA ARG A 120 -0.13 2.72 6.68
C ARG A 120 1.15 2.01 7.09
N TRP A 121 1.12 0.68 7.14
CA TRP A 121 2.33 -0.13 7.26
C TRP A 121 2.80 -0.59 5.91
N VAL A 122 4.04 -0.25 5.57
CA VAL A 122 4.61 -0.61 4.29
C VAL A 122 5.84 -1.48 4.42
N GLY A 123 6.00 -2.40 3.48
CA GLY A 123 7.19 -3.22 3.40
C GLY A 123 8.15 -2.68 2.38
N ALA A 124 9.27 -3.38 2.25
CA ALA A 124 10.35 -2.91 1.40
C ALA A 124 9.86 -2.62 -0.02
N ASP A 125 8.92 -3.43 -0.51
CA ASP A 125 8.44 -3.32 -1.87
C ASP A 125 7.61 -2.06 -2.17
N GLU A 126 7.25 -1.31 -1.13
CA GLU A 126 6.38 -0.15 -1.28
C GLU A 126 7.09 1.17 -1.02
N ILE A 127 8.32 1.11 -0.53
CA ILE A 127 9.02 2.32 -0.09
C ILE A 127 9.34 3.23 -1.27
N ASP A 128 9.92 2.66 -2.32
CA ASP A 128 10.34 3.44 -3.47
C ASP A 128 9.18 4.20 -4.09
N GLY A 129 8.02 3.58 -4.14
CA GLY A 129 6.93 4.07 -4.97
C GLY A 129 5.97 4.96 -4.20
N LEU A 130 6.18 5.06 -2.89
CA LEU A 130 5.25 5.79 -2.04
C LEU A 130 5.21 7.26 -2.41
N ALA A 131 4.07 7.90 -2.17
CA ALA A 131 3.93 9.34 -2.39
C ALA A 131 4.48 10.16 -1.22
N TRP A 132 5.80 10.18 -1.13
CA TRP A 132 6.52 10.84 -0.05
C TRP A 132 6.37 12.35 -0.16
N VAL A 133 6.35 13.00 1.00
CA VAL A 133 6.77 14.39 1.12
C VAL A 133 8.22 14.54 0.63
N PRO A 134 8.50 15.61 -0.12
CA PRO A 134 9.79 15.68 -0.83
C PRO A 134 10.99 15.39 0.09
N ALA A 135 11.02 15.99 1.28
CA ALA A 135 12.22 15.94 2.11
C ALA A 135 12.56 14.51 2.50
N ASP A 136 11.55 13.68 2.76
CA ASP A 136 11.77 12.34 3.25
C ASP A 136 12.27 11.38 2.20
N ARG A 137 12.11 11.71 0.91
CA ARG A 137 12.56 10.83 -0.17
C ARG A 137 14.03 10.42 -0.06
N ALA A 138 14.86 11.30 0.47
CA ALA A 138 16.28 11.01 0.69
C ALA A 138 16.51 9.72 1.45
N TRP A 139 15.57 9.37 2.32
CA TRP A 139 15.71 8.22 3.20
C TRP A 139 15.27 6.89 2.58
N VAL A 140 14.79 6.91 1.34
CA VAL A 140 14.27 5.69 0.73
C VAL A 140 15.21 4.48 0.72
N PRO A 141 16.46 4.64 0.24
CA PRO A 141 17.37 3.50 0.35
C PRO A 141 17.62 3.06 1.79
N ASP A 142 17.76 4.01 2.71
CA ASP A 142 18.06 3.68 4.10
C ASP A 142 16.87 2.94 4.72
N LEU A 143 15.66 3.29 4.29
CA LEU A 143 14.46 2.61 4.78
C LEU A 143 14.34 1.19 4.17
N VAL A 144 14.62 1.07 2.88
CA VAL A 144 14.61 -0.24 2.23
C VAL A 144 15.60 -1.19 2.91
N ALA A 145 16.77 -0.65 3.26
CA ALA A 145 17.80 -1.45 3.93
C ALA A 145 17.37 -1.88 5.31
N ALA A 146 16.80 -0.96 6.07
CA ALA A 146 16.36 -1.24 7.43
C ALA A 146 15.31 -2.35 7.44
N LEU A 147 14.48 -2.41 6.41
CA LEU A 147 13.43 -3.43 6.33
C LEU A 147 13.96 -4.75 5.79
N SER A 148 15.11 -4.72 5.12
CA SER A 148 15.70 -5.93 4.54
C SER A 148 16.89 -6.40 5.37
N THR B 22 -10.63 -25.63 -29.21
CA THR B 22 -11.52 -25.06 -28.15
C THR B 22 -10.69 -24.53 -26.97
N LYS B 23 -10.87 -23.25 -26.65
CA LYS B 23 -10.04 -22.58 -25.65
C LYS B 23 -10.76 -22.46 -24.32
N GLN B 24 -10.04 -22.72 -23.24
CA GLN B 24 -10.52 -22.38 -21.92
C GLN B 24 -10.43 -20.88 -21.68
N ILE B 25 -11.34 -20.36 -20.85
CA ILE B 25 -11.33 -18.96 -20.48
C ILE B 25 -11.05 -18.86 -18.97
N VAL B 26 -10.13 -17.97 -18.60
CA VAL B 26 -9.91 -17.56 -17.21
C VAL B 26 -10.42 -16.14 -17.09
N VAL B 27 -11.34 -15.90 -16.15
CA VAL B 27 -11.83 -14.55 -15.88
C VAL B 27 -11.22 -13.97 -14.60
N ALA B 28 -10.99 -12.67 -14.64
CA ALA B 28 -10.40 -11.93 -13.53
C ALA B 28 -11.19 -10.64 -13.27
N GLY B 29 -11.21 -10.21 -12.03
CA GLY B 29 -12.03 -9.09 -11.64
C GLY B 29 -11.19 -7.89 -11.28
N ALA B 30 -11.56 -6.75 -11.85
CA ALA B 30 -11.03 -5.45 -11.40
C ALA B 30 -12.04 -4.79 -10.49
N LEU B 31 -11.79 -4.97 -9.20
CA LEU B 31 -12.64 -4.45 -8.16
C LEU B 31 -12.11 -3.10 -7.72
N ILE B 32 -12.86 -2.07 -8.07
CA ILE B 32 -12.52 -0.71 -7.70
C ILE B 32 -13.53 -0.20 -6.67
N SER B 33 -13.00 0.19 -5.52
N SER B 33 -13.02 0.24 -5.54
CA SER B 33 -13.81 0.70 -4.43
CA SER B 33 -13.88 0.71 -4.44
C SER B 33 -13.09 1.91 -3.83
C SER B 33 -13.19 1.83 -3.68
N ARG B 34 -13.83 3.00 -3.63
CA ARG B 34 -13.23 4.22 -3.06
C ARG B 34 -12.02 4.68 -3.85
N GLY B 35 -12.08 4.56 -5.16
CA GLY B 35 -11.00 4.96 -6.03
C GLY B 35 -9.69 4.21 -5.83
N THR B 36 -9.76 3.03 -5.21
CA THR B 36 -8.62 2.11 -5.25
C THR B 36 -9.01 0.75 -5.86
N LEU B 37 -7.99 0.02 -6.29
CA LEU B 37 -8.16 -1.26 -6.99
C LEU B 37 -7.62 -2.36 -6.09
N LEU B 38 -8.41 -3.42 -5.93
CA LEU B 38 -7.98 -4.59 -5.19
C LEU B 38 -7.04 -5.43 -6.06
N VAL B 39 -5.84 -5.70 -5.56
CA VAL B 39 -4.93 -6.62 -6.21
C VAL B 39 -4.53 -7.74 -5.25
N ALA B 40 -4.18 -8.90 -5.81
CA ALA B 40 -3.99 -10.13 -5.06
C ALA B 40 -2.61 -10.74 -5.39
N GLN B 41 -1.86 -11.08 -4.36
CA GLN B 41 -0.51 -11.59 -4.56
C GLN B 41 -0.49 -13.10 -4.57
N ARG B 42 -0.10 -13.68 -5.71
CA ARG B 42 -0.04 -15.14 -5.83
C ARG B 42 0.90 -15.79 -4.83
N ASP B 43 0.59 -17.04 -4.49
CA ASP B 43 1.43 -17.84 -3.58
C ASP B 43 1.99 -19.07 -4.29
N ARG B 44 1.64 -19.24 -5.57
CA ARG B 44 2.00 -20.40 -6.37
C ARG B 44 1.67 -20.11 -7.84
N PRO B 45 2.29 -20.88 -8.76
CA PRO B 45 3.44 -21.73 -8.51
C PRO B 45 4.68 -20.87 -8.27
N ALA B 46 5.85 -21.49 -8.18
CA ALA B 46 7.05 -20.76 -7.76
C ALA B 46 7.37 -19.61 -8.72
N GLU B 47 7.05 -19.83 -10.01
CA GLU B 47 7.34 -18.83 -11.04
C GLU B 47 6.55 -17.53 -10.90
N LEU B 48 5.36 -17.59 -10.28
CA LEU B 48 4.50 -16.40 -10.10
C LEU B 48 4.30 -16.04 -8.64
N ALA B 49 4.75 -16.90 -7.73
CA ALA B 49 4.59 -16.61 -6.30
C ALA B 49 5.29 -15.29 -5.94
N GLY B 50 4.56 -14.42 -5.26
CA GLY B 50 5.04 -13.09 -4.92
C GLY B 50 4.67 -12.02 -5.94
N LEU B 51 4.11 -12.42 -7.06
CA LEU B 51 3.68 -11.46 -8.06
C LEU B 51 2.17 -11.22 -7.95
N TRP B 52 1.73 -10.08 -8.47
CA TRP B 52 0.38 -9.59 -8.23
C TRP B 52 -0.54 -9.76 -9.44
N GLU B 53 -1.82 -9.99 -9.19
CA GLU B 53 -2.79 -10.26 -10.24
C GLU B 53 -4.18 -9.77 -9.86
N LEU B 54 -5.07 -9.69 -10.85
CA LEU B 54 -6.49 -9.59 -10.57
C LEU B 54 -6.97 -10.99 -10.21
N PRO B 55 -7.73 -11.09 -9.11
CA PRO B 55 -8.23 -12.40 -8.70
C PRO B 55 -9.32 -12.91 -9.62
N GLY B 56 -9.33 -14.22 -9.83
CA GLY B 56 -10.39 -14.83 -10.61
C GLY B 56 -10.11 -16.31 -10.76
N GLY B 57 -10.40 -16.85 -11.94
CA GLY B 57 -10.26 -18.29 -12.16
C GLY B 57 -11.04 -18.74 -13.37
N LYS B 58 -11.06 -20.05 -13.63
CA LYS B 58 -11.67 -20.58 -14.86
C LYS B 58 -13.20 -20.50 -14.94
N VAL B 59 -13.69 -20.23 -16.15
CA VAL B 59 -15.10 -20.35 -16.41
C VAL B 59 -15.42 -21.81 -16.72
N THR B 60 -15.90 -22.53 -15.71
CA THR B 60 -16.15 -23.96 -15.87
C THR B 60 -17.31 -24.14 -16.81
N PRO B 61 -17.23 -25.12 -17.72
CA PRO B 61 -18.33 -25.24 -18.66
C PRO B 61 -19.66 -25.39 -17.94
N GLY B 62 -20.68 -24.67 -18.44
CA GLY B 62 -21.96 -24.62 -17.78
C GLY B 62 -22.24 -23.33 -17.01
N GLU B 63 -21.18 -22.60 -16.69
CA GLU B 63 -21.26 -21.29 -16.01
C GLU B 63 -21.16 -20.17 -17.03
N SER B 64 -21.78 -19.04 -16.76
CA SER B 64 -21.42 -17.83 -17.49
C SER B 64 -20.12 -17.24 -16.94
N ASP B 65 -19.54 -16.32 -17.70
CA ASP B 65 -18.39 -15.56 -17.19
C ASP B 65 -18.75 -14.89 -15.87
N ALA B 66 -19.90 -14.24 -15.79
CA ALA B 66 -20.27 -13.54 -14.56
C ALA B 66 -20.50 -14.51 -13.39
N ASP B 67 -21.13 -15.66 -13.67
CA ASP B 67 -21.32 -16.69 -12.66
C ASP B 67 -19.97 -17.06 -12.08
N ALA B 68 -19.01 -17.33 -12.98
CA ALA B 68 -17.74 -17.91 -12.57
C ALA B 68 -16.95 -16.89 -11.76
N LEU B 69 -16.97 -15.64 -12.22
CA LEU B 69 -16.13 -14.64 -11.57
C LEU B 69 -16.69 -14.31 -10.18
N ALA B 70 -17.99 -14.12 -10.08
CA ALA B 70 -18.63 -13.87 -8.79
C ALA B 70 -18.34 -15.02 -7.82
N ARG B 71 -18.45 -16.25 -8.31
CA ARG B 71 -18.18 -17.41 -7.48
C ARG B 71 -16.75 -17.42 -7.00
N GLU B 72 -15.81 -17.16 -7.91
CA GLU B 72 -14.40 -17.15 -7.54
C GLU B 72 -14.07 -16.07 -6.52
N LEU B 73 -14.64 -14.90 -6.69
CA LEU B 73 -14.36 -13.83 -5.76
C LEU B 73 -15.02 -14.10 -4.41
N ARG B 74 -16.15 -14.77 -4.42
CA ARG B 74 -16.82 -15.15 -3.19
C ARG B 74 -15.94 -16.14 -2.42
N GLU B 75 -15.53 -17.18 -3.13
CA GLU B 75 -14.76 -18.25 -2.53
C GLU B 75 -13.42 -17.72 -2.05
N GLU B 76 -12.75 -16.94 -2.87
CA GLU B 76 -11.36 -16.58 -2.60
C GLU B 76 -11.23 -15.36 -1.68
N LEU B 77 -12.17 -14.43 -1.75
CA LEU B 77 -12.05 -13.18 -1.01
C LEU B 77 -13.10 -12.98 0.08
N GLY B 78 -14.22 -13.68 -0.05
CA GLY B 78 -15.37 -13.50 0.85
C GLY B 78 -16.18 -12.26 0.59
N VAL B 79 -16.15 -11.79 -0.66
CA VAL B 79 -16.98 -10.65 -1.04
C VAL B 79 -18.04 -11.03 -2.07
N ASP B 80 -19.11 -10.24 -2.09
CA ASP B 80 -20.18 -10.39 -3.04
C ASP B 80 -20.11 -9.22 -4.03
N VAL B 81 -19.91 -9.54 -5.31
CA VAL B 81 -19.74 -8.50 -6.34
C VAL B 81 -20.82 -8.61 -7.43
N ALA B 82 -21.01 -7.50 -8.14
CA ALA B 82 -21.72 -7.47 -9.40
C ALA B 82 -20.69 -7.37 -10.53
N VAL B 83 -20.89 -8.16 -11.56
CA VAL B 83 -19.94 -8.13 -12.66
C VAL B 83 -20.40 -7.17 -13.74
N GLY B 84 -19.47 -6.31 -14.17
CA GLY B 84 -19.75 -5.31 -15.22
C GLY B 84 -19.11 -5.59 -16.56
N GLU B 85 -18.60 -4.53 -17.18
CA GLU B 85 -18.08 -4.59 -18.54
C GLU B 85 -16.66 -5.14 -18.55
N ARG B 86 -16.23 -5.53 -19.74
CA ARG B 86 -14.86 -5.94 -19.93
C ARG B 86 -13.93 -4.77 -19.61
N LEU B 87 -12.75 -5.11 -19.12
CA LEU B 87 -11.67 -4.15 -18.88
C LEU B 87 -10.43 -4.61 -19.63
N GLY B 88 -9.92 -3.75 -20.52
CA GLY B 88 -8.75 -4.07 -21.35
C GLY B 88 -8.98 -5.19 -22.35
N ALA B 89 -7.89 -5.69 -22.94
CA ALA B 89 -7.96 -6.67 -23.99
C ALA B 89 -7.84 -8.05 -23.39
N ASP B 90 -8.37 -9.04 -24.08
CA ASP B 90 -8.08 -10.44 -23.77
C ASP B 90 -6.60 -10.71 -23.90
N VAL B 91 -6.08 -11.54 -23.01
CA VAL B 91 -4.69 -11.91 -23.05
C VAL B 91 -4.57 -13.38 -23.42
N ALA B 92 -3.83 -13.68 -24.48
CA ALA B 92 -3.55 -15.06 -24.84
C ALA B 92 -2.48 -15.64 -23.92
N LEU B 93 -2.89 -16.45 -22.96
CA LEU B 93 -1.95 -17.09 -22.05
C LEU B 93 -1.11 -18.09 -22.81
N ASN B 94 -1.78 -18.92 -23.60
CA ASN B 94 -1.12 -19.82 -24.54
C ASN B 94 -2.13 -20.18 -25.63
N ASP B 95 -1.82 -21.22 -26.41
CA ASP B 95 -2.73 -21.66 -27.46
C ASP B 95 -4.04 -22.20 -26.88
N ALA B 96 -4.04 -22.52 -25.58
CA ALA B 96 -5.13 -23.26 -24.97
C ALA B 96 -6.04 -22.40 -24.11
N MET B 97 -5.56 -21.24 -23.69
CA MET B 97 -6.21 -20.47 -22.63
C MET B 97 -6.22 -18.98 -22.96
N THR B 98 -7.36 -18.34 -22.72
CA THR B 98 -7.51 -16.90 -22.81
C THR B 98 -7.84 -16.31 -21.43
N LEU B 99 -7.22 -15.17 -21.12
CA LEU B 99 -7.45 -14.47 -19.87
C LEU B 99 -8.22 -13.17 -20.17
N ARG B 100 -9.30 -12.95 -19.45
CA ARG B 100 -10.19 -11.81 -19.65
C ARG B 100 -10.48 -11.15 -18.31
N ALA B 101 -10.36 -9.82 -18.24
CA ALA B 101 -10.78 -9.06 -17.06
C ALA B 101 -12.12 -8.40 -17.25
N TYR B 102 -12.89 -8.36 -16.16
CA TYR B 102 -14.12 -7.55 -16.09
C TYR B 102 -14.01 -6.57 -14.92
N ARG B 103 -14.54 -5.37 -15.07
CA ARG B 103 -14.78 -4.53 -13.91
C ARG B 103 -15.86 -5.18 -13.05
N VAL B 104 -15.64 -5.19 -11.74
CA VAL B 104 -16.67 -5.63 -10.79
C VAL B 104 -16.86 -4.57 -9.73
N THR B 105 -18.04 -4.60 -9.12
N THR B 105 -18.06 -4.54 -9.15
CA THR B 105 -18.43 -3.62 -8.10
CA THR B 105 -18.33 -3.60 -8.07
C THR B 105 -18.71 -4.40 -6.82
C THR B 105 -18.77 -4.34 -6.83
N LEU B 106 -18.30 -3.85 -5.69
CA LEU B 106 -18.56 -4.49 -4.41
C LEU B 106 -19.98 -4.23 -3.97
N ARG B 107 -20.74 -5.31 -3.77
CA ARG B 107 -22.05 -5.21 -3.17
C ARG B 107 -21.96 -5.22 -1.64
N SER B 108 -21.18 -6.15 -1.10
CA SER B 108 -20.82 -6.16 0.29
C SER B 108 -19.61 -7.04 0.56
N GLY B 109 -19.05 -6.91 1.76
CA GLY B 109 -18.00 -7.80 2.20
C GLY B 109 -16.67 -7.08 2.30
N SER B 110 -15.77 -7.63 3.10
N SER B 110 -15.72 -7.74 2.93
CA SER B 110 -14.40 -7.12 3.19
CA SER B 110 -14.41 -7.20 3.22
C SER B 110 -13.45 -8.24 2.75
C SER B 110 -13.38 -8.25 2.80
N PRO B 111 -12.58 -7.97 1.76
CA PRO B 111 -11.78 -9.05 1.19
C PRO B 111 -10.71 -9.55 2.12
N HIS B 112 -10.53 -10.87 2.11
CA HIS B 112 -9.46 -11.52 2.86
C HIS B 112 -8.95 -12.69 2.03
N PRO B 113 -7.64 -12.78 1.84
CA PRO B 113 -7.13 -13.81 0.94
C PRO B 113 -7.35 -15.19 1.53
N HIS B 114 -7.61 -16.16 0.66
CA HIS B 114 -7.59 -17.56 1.05
C HIS B 114 -6.43 -18.31 0.42
N ASP B 115 -6.46 -18.43 -0.90
CA ASP B 115 -5.34 -18.96 -1.68
C ASP B 115 -4.17 -17.98 -1.81
N HIS B 116 -4.47 -16.71 -2.01
CA HIS B 116 -3.41 -15.71 -2.22
C HIS B 116 -2.59 -15.46 -0.96
N ARG B 117 -1.35 -15.05 -1.18
CA ARG B 117 -0.40 -14.69 -0.14
C ARG B 117 -0.83 -13.45 0.63
N ALA B 118 -1.41 -12.50 -0.10
CA ALA B 118 -1.74 -11.18 0.40
C ALA B 118 -2.66 -10.43 -0.58
N LEU B 119 -3.33 -9.40 -0.05
CA LEU B 119 -4.13 -8.44 -0.82
C LEU B 119 -3.64 -7.03 -0.55
N ARG B 120 -3.96 -6.12 -1.47
CA ARG B 120 -3.66 -4.71 -1.29
C ARG B 120 -4.69 -3.89 -2.05
N TRP B 121 -5.05 -2.72 -1.50
CA TRP B 121 -5.78 -1.73 -2.27
C TRP B 121 -4.82 -0.69 -2.80
N VAL B 122 -4.75 -0.56 -4.12
CA VAL B 122 -3.78 0.34 -4.74
C VAL B 122 -4.44 1.47 -5.49
N GLY B 123 -3.82 2.65 -5.38
CA GLY B 123 -4.23 3.76 -6.19
C GLY B 123 -3.51 3.86 -7.52
N ALA B 124 -3.94 4.81 -8.34
CA ALA B 124 -3.47 4.95 -9.72
C ALA B 124 -1.94 5.09 -9.78
N ASP B 125 -1.40 5.82 -8.81
CA ASP B 125 0.04 6.11 -8.76
C ASP B 125 0.94 4.93 -8.42
N GLU B 126 0.38 3.84 -7.91
N GLU B 126 0.32 3.84 -7.97
CA GLU B 126 1.20 2.68 -7.54
CA GLU B 126 0.98 2.65 -7.45
C GLU B 126 0.93 1.48 -8.44
C GLU B 126 1.02 1.55 -8.52
N ILE B 127 0.11 1.66 -9.49
CA ILE B 127 -0.25 0.53 -10.34
C ILE B 127 0.95 0.03 -11.16
N ASP B 128 1.65 0.95 -11.84
CA ASP B 128 2.70 0.56 -12.79
C ASP B 128 3.86 -0.14 -12.07
N GLY B 129 4.22 0.36 -10.89
CA GLY B 129 5.37 -0.16 -10.17
C GLY B 129 5.11 -1.46 -9.42
N LEU B 130 3.85 -1.85 -9.30
CA LEU B 130 3.49 -3.10 -8.65
C LEU B 130 4.13 -4.25 -9.42
N ALA B 131 4.54 -5.30 -8.71
CA ALA B 131 5.14 -6.46 -9.35
C ALA B 131 4.09 -7.40 -9.95
N TRP B 132 3.46 -6.93 -11.02
CA TRP B 132 2.45 -7.70 -11.75
C TRP B 132 2.98 -9.03 -12.32
N VAL B 133 2.14 -10.04 -12.24
CA VAL B 133 2.20 -11.18 -13.13
C VAL B 133 2.28 -10.69 -14.58
N PRO B 134 3.19 -11.26 -15.38
CA PRO B 134 3.39 -10.69 -16.72
C PRO B 134 2.11 -10.60 -17.57
N ALA B 135 1.23 -11.60 -17.51
CA ALA B 135 -0.01 -11.56 -18.27
C ALA B 135 -0.85 -10.34 -17.90
N ASP B 136 -1.17 -10.20 -16.62
CA ASP B 136 -2.07 -9.15 -16.19
C ASP B 136 -1.50 -7.74 -16.39
N ARG B 137 -0.17 -7.60 -16.43
CA ARG B 137 0.42 -6.28 -16.68
C ARG B 137 -0.16 -5.56 -17.91
N ALA B 138 -0.60 -6.32 -18.91
CA ALA B 138 -1.22 -5.75 -20.12
C ALA B 138 -2.32 -4.73 -19.77
N TRP B 139 -2.97 -4.95 -18.65
CA TRP B 139 -4.13 -4.15 -18.29
C TRP B 139 -3.78 -2.87 -17.53
N VAL B 140 -2.50 -2.60 -17.32
CA VAL B 140 -2.13 -1.48 -16.47
C VAL B 140 -2.70 -0.14 -16.93
N PRO B 141 -2.54 0.21 -18.22
CA PRO B 141 -3.07 1.50 -18.64
C PRO B 141 -4.59 1.59 -18.51
N ASP B 142 -5.26 0.47 -18.76
CA ASP B 142 -6.72 0.40 -18.64
C ASP B 142 -7.16 0.51 -17.18
N LEU B 143 -6.39 -0.08 -16.28
CA LEU B 143 -6.68 0.05 -14.85
C LEU B 143 -6.43 1.49 -14.35
N VAL B 144 -5.34 2.11 -14.81
CA VAL B 144 -5.03 3.47 -14.40
C VAL B 144 -6.12 4.41 -14.89
N ALA B 145 -6.64 4.16 -16.08
CA ALA B 145 -7.73 4.98 -16.64
C ALA B 145 -9.00 4.82 -15.81
N ALA B 146 -9.32 3.58 -15.47
CA ALA B 146 -10.51 3.28 -14.68
C ALA B 146 -10.45 3.99 -13.34
N LEU B 147 -9.25 4.09 -12.78
CA LEU B 147 -9.06 4.70 -11.47
C LEU B 147 -9.06 6.22 -11.55
N SER B 148 -8.76 6.75 -12.73
CA SER B 148 -8.59 8.19 -12.89
C SER B 148 -9.94 8.83 -13.23
N GLY B 149 -10.99 8.03 -13.21
CA GLY B 149 -12.32 8.49 -13.59
C GLY B 149 -12.33 9.00 -15.02
#